data_1PZ5
#
_entry.id   1PZ5
#
_cell.length_a   69.310
_cell.length_b   69.310
_cell.length_c   198.560
_cell.angle_alpha   90.00
_cell.angle_beta   90.00
_cell.angle_gamma   90.00
#
_symmetry.space_group_name_H-M   'P 43 21 2'
#
loop_
_entity.id
_entity.type
_entity.pdbx_description
1 polymer 'Light chain of Fab (SYA/J6)'
2 polymer 'Heavy chain of Fab (SYA/J6)'
3 polymer 'Octapeptide (MDWNMHAA)'
4 water water
#
loop_
_entity_poly.entity_id
_entity_poly.type
_entity_poly.pdbx_seq_one_letter_code
_entity_poly.pdbx_strand_id
1 'polypeptide(L)'
;DVVLTQTPLSLPVRLGDQASISCRSSQSLLHSDGNTYLHWYLQKPGQSPKLLIYKVSNRFSGVPDRFSGSGSGTDFTLKI
SRVEAEDLGVYFCSQTTHVPTFGGGTKLEIKRADAAPTVSIFPPSSEQLTSGGASVVCFLNNFYPKDINVKWKIDGSERQ
NGVLNSWTDQDSKDSTYSMSSTLTLTKDEYERHNSYTCEATHKTSTSPIVKSFNR
;
A
2 'polypeptide(L)'
;EVKVEESGGGLVQPGGSMKLSCVASGFTFSNYWMEWVRQSPEKGLEWVAEIRLKSNNYATHYAESVKGRFTISRDDSKSS
VYLQMNNLRAEDTGIYYCTRGGAVGAMDYWGQGTSVTVSSATTTAPSVYPLVPGCSDTSGSSVTLGCLVKGYFPEPVTVK
WNYGALSSGVRTVSSVLQSGFYSLSSLVTVPSSTWPSQTVICNVAHPASKVDLIKEISGP
;
B
3 'polypeptide(L)' MDWNMHAA C
#
# COMPACT_ATOMS: atom_id res chain seq x y z
N ASP A 1 19.73 5.03 -19.07
CA ASP A 1 18.70 4.04 -18.71
C ASP A 1 17.45 4.22 -19.56
N VAL A 2 16.78 3.11 -19.84
CA VAL A 2 15.56 3.13 -20.63
C VAL A 2 14.43 3.70 -19.79
N VAL A 3 13.68 4.64 -20.37
CA VAL A 3 12.56 5.25 -19.68
C VAL A 3 11.28 4.61 -20.22
N LEU A 4 10.44 4.15 -19.31
CA LEU A 4 9.17 3.55 -19.67
C LEU A 4 8.08 4.50 -19.18
N THR A 5 7.36 5.09 -20.12
CA THR A 5 6.30 6.03 -19.81
C THR A 5 4.95 5.34 -19.97
N GLN A 6 4.18 5.25 -18.88
CA GLN A 6 2.88 4.61 -18.95
C GLN A 6 1.76 5.63 -18.93
N THR A 7 0.67 5.28 -19.59
CA THR A 7 -0.50 6.15 -19.64
C THR A 7 -1.72 5.24 -19.85
N PRO A 8 -2.85 5.60 -19.24
CA PRO A 8 -3.07 6.76 -18.38
C PRO A 8 -2.51 6.49 -16.99
N LEU A 9 -2.53 7.50 -16.13
CA LEU A 9 -2.02 7.38 -14.77
C LEU A 9 -3.11 6.70 -13.95
N SER A 10 -4.35 7.06 -14.26
CA SER A 10 -5.54 6.52 -13.60
C SER A 10 -6.47 6.04 -14.71
N LEU A 11 -7.09 4.88 -14.52
CA LEU A 11 -7.97 4.33 -15.55
C LEU A 11 -9.27 3.75 -14.98
N PRO A 12 -10.36 4.53 -15.04
CA PRO A 12 -11.68 4.11 -14.55
C PRO A 12 -12.29 3.16 -15.59
N VAL A 13 -12.81 2.02 -15.13
CA VAL A 13 -13.41 1.07 -16.05
C VAL A 13 -14.58 0.30 -15.44
N ARG A 14 -15.65 0.18 -16.21
CA ARG A 14 -16.85 -0.55 -15.77
C ARG A 14 -16.59 -2.05 -15.73
N LEU A 15 -17.30 -2.74 -14.83
CA LEU A 15 -17.15 -4.20 -14.75
C LEU A 15 -17.55 -4.81 -16.09
N GLY A 16 -16.77 -5.77 -16.55
CA GLY A 16 -17.07 -6.42 -17.81
C GLY A 16 -16.56 -5.72 -19.06
N ASP A 17 -16.08 -4.50 -18.91
CA ASP A 17 -15.56 -3.73 -20.05
C ASP A 17 -14.07 -4.04 -20.20
N GLN A 18 -13.41 -3.44 -21.19
CA GLN A 18 -11.99 -3.66 -21.41
C GLN A 18 -11.18 -2.44 -20.99
N ALA A 19 -9.98 -2.67 -20.48
CA ALA A 19 -9.09 -1.59 -20.08
C ALA A 19 -7.80 -1.74 -20.87
N SER A 20 -7.29 -0.63 -21.40
CA SER A 20 -6.05 -0.66 -22.18
C SER A 20 -5.02 0.26 -21.54
N ILE A 21 -3.88 -0.32 -21.19
CA ILE A 21 -2.81 0.43 -20.54
C ILE A 21 -1.63 0.44 -21.50
N SER A 22 -1.03 1.61 -21.69
CA SER A 22 0.09 1.72 -22.61
C SER A 22 1.42 1.96 -21.92
N CYS A 23 2.47 1.50 -22.59
CA CYS A 23 3.82 1.65 -22.10
C CYS A 23 4.68 2.00 -23.32
N ARG A 24 5.33 3.16 -23.25
CA ARG A 24 6.18 3.63 -24.34
C ARG A 24 7.63 3.75 -23.85
N SER A 25 8.55 3.06 -24.52
CA SER A 25 9.95 3.11 -24.14
C SER A 25 10.75 4.13 -24.92
N SER A 26 11.81 4.64 -24.29
CA SER A 26 12.69 5.63 -24.89
C SER A 26 13.65 5.02 -25.91
N GLN A 27 13.66 3.69 -26.00
CA GLN A 27 14.52 3.01 -26.97
C GLN A 27 13.98 1.62 -27.30
N SER A 28 14.42 1.07 -28.42
CA SER A 28 13.96 -0.25 -28.81
C SER A 28 14.29 -1.23 -27.71
N LEU A 29 13.39 -2.18 -27.49
CA LEU A 29 13.58 -3.20 -26.47
C LEU A 29 13.88 -4.55 -27.11
N LEU A 30 14.11 -4.53 -28.42
CA LEU A 30 14.44 -5.76 -29.14
C LEU A 30 15.89 -6.15 -28.81
N HIS A 31 16.06 -7.29 -28.16
CA HIS A 31 17.37 -7.80 -27.77
C HIS A 31 18.01 -8.39 -29.02
N SER A 32 19.33 -8.44 -29.04
CA SER A 32 20.03 -8.98 -30.19
C SER A 32 19.65 -10.43 -30.47
N ASP A 33 19.19 -11.14 -29.43
CA ASP A 33 18.81 -12.53 -29.61
C ASP A 33 17.41 -12.70 -30.20
N GLY A 34 16.78 -11.59 -30.57
CA GLY A 34 15.46 -11.64 -31.17
C GLY A 34 14.27 -11.53 -30.25
N ASN A 35 14.52 -11.55 -28.94
CA ASN A 35 13.44 -11.45 -27.97
C ASN A 35 13.25 -10.01 -27.51
N THR A 36 12.05 -9.68 -27.06
CA THR A 36 11.74 -8.34 -26.57
C THR A 36 11.31 -8.54 -25.14
N TYR A 37 12.17 -8.17 -24.20
CA TYR A 37 11.87 -8.35 -22.79
C TYR A 37 11.08 -7.23 -22.15
N LEU A 38 9.81 -7.14 -22.51
CA LEU A 38 8.89 -6.15 -21.97
C LEU A 38 7.84 -6.96 -21.20
N HIS A 39 7.66 -6.64 -19.92
CA HIS A 39 6.75 -7.38 -19.06
C HIS A 39 5.71 -6.50 -18.36
N TRP A 40 4.63 -7.13 -17.90
CA TRP A 40 3.56 -6.43 -17.19
C TRP A 40 3.30 -7.07 -15.84
N TYR A 41 3.02 -6.23 -14.83
CA TYR A 41 2.74 -6.69 -13.48
C TYR A 41 1.50 -6.02 -12.92
N LEU A 42 0.93 -6.63 -11.88
CA LEU A 42 -0.22 -6.07 -11.17
C LEU A 42 0.12 -6.06 -9.69
N GLN A 43 -0.05 -4.90 -9.05
CA GLN A 43 0.21 -4.81 -7.63
C GLN A 43 -1.04 -4.35 -6.93
N LYS A 44 -1.62 -5.23 -6.13
CA LYS A 44 -2.83 -4.89 -5.39
C LYS A 44 -2.38 -4.20 -4.10
N PRO A 45 -3.29 -3.47 -3.44
CA PRO A 45 -2.96 -2.78 -2.20
C PRO A 45 -2.33 -3.66 -1.13
N GLY A 46 -1.12 -3.31 -0.73
CA GLY A 46 -0.40 -4.06 0.30
C GLY A 46 0.17 -5.41 -0.08
N GLN A 47 -0.20 -5.91 -1.25
CA GLN A 47 0.27 -7.22 -1.70
C GLN A 47 1.52 -7.16 -2.57
N SER A 48 2.18 -8.31 -2.73
CA SER A 48 3.38 -8.35 -3.54
C SER A 48 2.99 -8.27 -5.02
N PRO A 49 3.68 -7.44 -5.80
CA PRO A 49 3.36 -7.32 -7.21
C PRO A 49 3.51 -8.70 -7.87
N LYS A 50 2.67 -8.99 -8.84
CA LYS A 50 2.73 -10.29 -9.51
C LYS A 50 2.87 -10.19 -11.02
N LEU A 51 3.65 -11.09 -11.58
CA LEU A 51 3.91 -11.14 -13.01
C LEU A 51 2.68 -11.60 -13.77
N LEU A 52 2.27 -10.81 -14.77
CA LEU A 52 1.09 -11.14 -15.57
C LEU A 52 1.46 -11.61 -16.97
N ILE A 53 2.30 -10.81 -17.63
CA ILE A 53 2.73 -11.06 -19.00
C ILE A 53 4.24 -10.89 -19.10
N TYR A 54 4.91 -11.82 -19.78
CA TYR A 54 6.35 -11.71 -19.96
C TYR A 54 6.65 -11.77 -21.46
N LYS A 55 7.72 -11.11 -21.87
CA LYS A 55 8.10 -11.03 -23.28
C LYS A 55 6.96 -10.56 -24.18
N VAL A 56 6.40 -9.41 -23.84
CA VAL A 56 5.34 -8.77 -24.60
C VAL A 56 3.95 -9.40 -24.58
N SER A 57 3.85 -10.71 -24.82
CA SER A 57 2.53 -11.31 -24.91
C SER A 57 2.29 -12.67 -24.26
N ASN A 58 3.27 -13.20 -23.55
CA ASN A 58 3.10 -14.50 -22.90
C ASN A 58 2.49 -14.38 -21.52
N ARG A 59 1.41 -15.12 -21.28
CA ARG A 59 0.76 -15.11 -19.98
C ARG A 59 1.53 -15.97 -19.00
N PHE A 60 1.73 -15.43 -17.79
CA PHE A 60 2.46 -16.15 -16.76
C PHE A 60 1.55 -17.16 -16.07
N SER A 61 2.12 -17.93 -15.15
CA SER A 61 1.38 -18.96 -14.43
C SER A 61 0.09 -18.48 -13.79
N GLY A 62 -1.02 -19.17 -14.10
CA GLY A 62 -2.30 -18.83 -13.53
C GLY A 62 -3.03 -17.62 -14.08
N VAL A 63 -2.41 -16.95 -15.06
CA VAL A 63 -3.02 -15.77 -15.67
C VAL A 63 -4.00 -16.16 -16.79
N PRO A 64 -5.27 -15.72 -16.69
CA PRO A 64 -6.31 -16.01 -17.69
C PRO A 64 -6.05 -15.27 -19.00
N ASP A 65 -6.65 -15.75 -20.08
CA ASP A 65 -6.49 -15.12 -21.38
C ASP A 65 -7.14 -13.74 -21.44
N ARG A 66 -7.84 -13.34 -20.37
CA ARG A 66 -8.47 -12.01 -20.30
C ARG A 66 -7.38 -10.96 -20.40
N PHE A 67 -6.19 -11.33 -19.97
CA PHE A 67 -5.03 -10.44 -19.99
C PHE A 67 -4.26 -10.70 -21.26
N SER A 68 -4.09 -9.66 -22.08
CA SER A 68 -3.36 -9.79 -23.34
C SER A 68 -2.37 -8.66 -23.52
N GLY A 69 -1.19 -8.99 -24.02
CA GLY A 69 -0.17 -7.99 -24.26
C GLY A 69 0.23 -7.95 -25.71
N SER A 70 0.57 -6.76 -26.21
CA SER A 70 1.00 -6.62 -27.59
C SER A 70 2.03 -5.51 -27.67
N GLY A 71 2.73 -5.44 -28.80
CA GLY A 71 3.75 -4.42 -28.96
C GLY A 71 4.03 -4.09 -30.41
N SER A 72 4.53 -2.87 -30.62
CA SER A 72 4.88 -2.37 -31.94
C SER A 72 6.01 -1.37 -31.73
N GLY A 73 7.23 -1.75 -32.10
CA GLY A 73 8.35 -0.86 -31.91
C GLY A 73 8.54 -0.56 -30.43
N THR A 74 8.49 0.71 -30.07
CA THR A 74 8.67 1.13 -28.68
C THR A 74 7.35 1.26 -27.91
N ASP A 75 6.23 0.88 -28.54
CA ASP A 75 4.93 0.98 -27.90
C ASP A 75 4.40 -0.39 -27.49
N PHE A 76 3.93 -0.48 -26.25
CA PHE A 76 3.39 -1.74 -25.77
C PHE A 76 2.05 -1.50 -25.11
N THR A 77 1.18 -2.50 -25.20
CA THR A 77 -0.15 -2.36 -24.65
C THR A 77 -0.61 -3.58 -23.87
N LEU A 78 -1.18 -3.32 -22.69
CA LEU A 78 -1.73 -4.39 -21.86
C LEU A 78 -3.23 -4.19 -21.96
N LYS A 79 -3.95 -5.26 -22.28
CA LYS A 79 -5.39 -5.18 -22.39
C LYS A 79 -6.01 -6.17 -21.41
N ILE A 80 -6.94 -5.68 -20.61
CA ILE A 80 -7.63 -6.49 -19.64
C ILE A 80 -9.09 -6.55 -20.05
N SER A 81 -9.52 -7.69 -20.57
CA SER A 81 -10.91 -7.83 -21.00
C SER A 81 -11.78 -8.36 -19.87
N ARG A 82 -13.08 -8.10 -19.94
CA ARG A 82 -14.02 -8.57 -18.94
C ARG A 82 -13.52 -8.27 -17.53
N VAL A 83 -13.21 -7.00 -17.29
CA VAL A 83 -12.71 -6.55 -16.00
C VAL A 83 -13.64 -6.92 -14.86
N GLU A 84 -13.05 -7.41 -13.76
CA GLU A 84 -13.81 -7.79 -12.60
C GLU A 84 -13.29 -7.04 -11.38
N ALA A 85 -14.08 -7.00 -10.31
CA ALA A 85 -13.70 -6.29 -9.09
C ALA A 85 -12.27 -6.56 -8.63
N GLU A 86 -11.89 -7.84 -8.58
CA GLU A 86 -10.54 -8.22 -8.15
C GLU A 86 -9.39 -7.73 -9.02
N ASP A 87 -9.70 -7.10 -10.15
CA ASP A 87 -8.68 -6.59 -11.06
C ASP A 87 -8.11 -5.24 -10.64
N LEU A 88 -8.69 -4.62 -9.62
CA LEU A 88 -8.20 -3.30 -9.20
C LEU A 88 -6.78 -3.35 -8.67
N GLY A 89 -6.07 -2.25 -8.85
CA GLY A 89 -4.70 -2.17 -8.39
C GLY A 89 -3.88 -1.36 -9.36
N VAL A 90 -2.56 -1.41 -9.20
CA VAL A 90 -1.68 -0.66 -10.07
C VAL A 90 -0.96 -1.63 -11.01
N TYR A 91 -1.11 -1.38 -12.31
CA TYR A 91 -0.44 -2.22 -13.30
C TYR A 91 0.80 -1.47 -13.76
N PHE A 92 1.92 -2.17 -13.87
CA PHE A 92 3.12 -1.51 -14.33
C PHE A 92 3.93 -2.39 -15.28
N CYS A 93 4.64 -1.75 -16.19
CA CYS A 93 5.45 -2.46 -17.16
C CYS A 93 6.91 -2.39 -16.70
N SER A 94 7.74 -3.28 -17.21
CA SER A 94 9.15 -3.29 -16.89
C SER A 94 9.88 -3.92 -18.06
N GLN A 95 11.15 -3.59 -18.21
CA GLN A 95 11.92 -4.18 -19.29
C GLN A 95 13.25 -4.67 -18.76
N THR A 96 13.70 -5.80 -19.31
CA THR A 96 14.97 -6.37 -18.90
C THR A 96 15.85 -6.66 -20.10
N THR A 97 15.66 -5.91 -21.17
CA THR A 97 16.48 -6.07 -22.36
C THR A 97 17.78 -5.34 -22.05
N HIS A 98 17.63 -4.17 -21.44
CA HIS A 98 18.75 -3.32 -21.02
C HIS A 98 18.71 -3.31 -19.50
N VAL A 99 19.55 -2.49 -18.84
CA VAL A 99 19.53 -2.43 -17.38
C VAL A 99 18.06 -2.29 -16.99
N PRO A 100 17.57 -3.18 -16.10
CA PRO A 100 16.16 -3.14 -15.68
C PRO A 100 15.55 -1.82 -15.22
N THR A 101 14.44 -1.46 -15.84
CA THR A 101 13.72 -0.23 -15.48
C THR A 101 12.22 -0.53 -15.46
N PHE A 102 11.44 0.37 -14.88
CA PHE A 102 10.00 0.16 -14.76
C PHE A 102 9.19 1.38 -15.15
N GLY A 103 7.94 1.13 -15.56
CA GLY A 103 7.04 2.23 -15.90
C GLY A 103 6.49 2.79 -14.60
N GLY A 104 5.88 3.96 -14.66
CA GLY A 104 5.33 4.60 -13.47
C GLY A 104 4.06 4.00 -12.90
N GLY A 105 3.43 3.10 -13.65
CA GLY A 105 2.21 2.47 -13.18
C GLY A 105 0.92 3.14 -13.62
N THR A 106 -0.16 2.36 -13.64
CA THR A 106 -1.49 2.83 -14.02
C THR A 106 -2.44 2.25 -12.98
N LYS A 107 -3.20 3.12 -12.32
CA LYS A 107 -4.13 2.66 -11.30
C LYS A 107 -5.49 2.40 -11.92
N LEU A 108 -5.87 1.13 -11.97
CA LEU A 108 -7.15 0.74 -12.53
C LEU A 108 -8.22 0.88 -11.48
N GLU A 109 -9.23 1.70 -11.76
CA GLU A 109 -10.34 1.91 -10.83
C GLU A 109 -11.60 1.27 -11.40
N ILE A 110 -12.36 0.60 -10.55
CA ILE A 110 -13.59 -0.03 -10.99
C ILE A 110 -14.76 0.95 -10.89
N LYS A 111 -15.36 1.23 -12.04
CA LYS A 111 -16.49 2.15 -12.11
C LYS A 111 -17.78 1.39 -11.83
N ARG A 112 -18.33 1.56 -10.63
CA ARG A 112 -19.56 0.89 -10.25
C ARG A 112 -20.70 1.89 -10.09
N ALA A 113 -21.88 1.37 -9.78
CA ALA A 113 -23.05 2.21 -9.56
C ALA A 113 -22.79 3.06 -8.33
N ASP A 114 -23.32 4.27 -8.32
CA ASP A 114 -23.14 5.16 -7.18
C ASP A 114 -23.72 4.52 -5.92
N ALA A 115 -23.12 4.83 -4.79
CA ALA A 115 -23.57 4.30 -3.51
C ALA A 115 -23.39 5.37 -2.44
N ALA A 116 -24.40 5.54 -1.60
CA ALA A 116 -24.33 6.53 -0.53
C ALA A 116 -23.56 5.97 0.65
N PRO A 117 -22.79 6.81 1.33
CA PRO A 117 -22.00 6.39 2.49
C PRO A 117 -22.83 6.18 3.76
N THR A 118 -22.33 5.29 4.61
CA THR A 118 -22.95 5.01 5.91
C THR A 118 -22.06 5.80 6.85
N VAL A 119 -22.64 6.69 7.64
CA VAL A 119 -21.85 7.54 8.52
C VAL A 119 -21.86 7.15 10.00
N SER A 120 -20.68 7.20 10.62
CA SER A 120 -20.51 6.89 12.04
C SER A 120 -19.63 7.98 12.63
N ILE A 121 -19.93 8.41 13.86
CA ILE A 121 -19.11 9.45 14.48
C ILE A 121 -18.58 8.90 15.81
N PHE A 122 -17.33 9.22 16.10
CA PHE A 122 -16.67 8.76 17.32
C PHE A 122 -16.06 9.90 18.12
N PRO A 123 -16.50 10.08 19.38
CA PRO A 123 -15.91 11.15 20.18
C PRO A 123 -14.48 10.73 20.51
N PRO A 124 -13.64 11.67 20.95
CA PRO A 124 -12.27 11.31 21.31
C PRO A 124 -12.29 10.40 22.54
N SER A 125 -11.29 9.57 22.68
CA SER A 125 -11.17 8.69 23.85
C SER A 125 -10.46 9.46 24.95
N SER A 126 -10.86 9.22 26.20
CA SER A 126 -10.21 9.90 27.31
C SER A 126 -8.72 9.54 27.29
N GLU A 127 -8.40 8.39 26.70
CA GLU A 127 -7.01 7.93 26.61
C GLU A 127 -6.08 8.84 25.80
N GLN A 128 -6.65 9.71 24.98
CA GLN A 128 -5.85 10.60 24.16
C GLN A 128 -5.58 11.96 24.79
N LEU A 129 -6.38 12.33 25.78
CA LEU A 129 -6.27 13.66 26.39
C LEU A 129 -4.92 14.10 26.94
N THR A 130 -4.17 13.21 27.57
CA THR A 130 -2.87 13.61 28.09
C THR A 130 -1.87 13.96 26.97
N SER A 131 -2.20 13.62 25.73
CA SER A 131 -1.29 13.94 24.61
C SER A 131 -1.40 15.44 24.30
N GLY A 132 -2.46 16.07 24.80
CA GLY A 132 -2.67 17.48 24.55
C GLY A 132 -3.70 17.71 23.46
N GLY A 133 -4.07 16.63 22.77
CA GLY A 133 -5.05 16.71 21.71
C GLY A 133 -6.27 15.81 21.89
N ALA A 134 -7.31 16.06 21.11
CA ALA A 134 -8.54 15.27 21.16
C ALA A 134 -9.06 15.15 19.74
N SER A 135 -9.13 13.92 19.23
CA SER A 135 -9.59 13.70 17.87
C SER A 135 -11.02 13.18 17.79
N VAL A 136 -11.85 13.90 17.04
CA VAL A 136 -13.24 13.48 16.82
C VAL A 136 -13.18 12.85 15.44
N VAL A 137 -13.71 11.65 15.30
CA VAL A 137 -13.66 10.97 14.01
C VAL A 137 -15.01 10.72 13.38
N CYS A 138 -15.09 11.06 12.10
CA CYS A 138 -16.29 10.83 11.32
C CYS A 138 -15.90 9.84 10.22
N PHE A 139 -16.54 8.67 10.24
CA PHE A 139 -16.24 7.62 9.27
C PHE A 139 -17.38 7.45 8.26
N LEU A 140 -17.03 7.58 6.98
CA LEU A 140 -17.99 7.42 5.88
C LEU A 140 -17.63 6.08 5.25
N ASN A 141 -18.58 5.15 5.25
CA ASN A 141 -18.28 3.82 4.76
C ASN A 141 -19.05 3.29 3.55
N ASN A 142 -18.30 2.63 2.67
CA ASN A 142 -18.84 1.99 1.48
C ASN A 142 -19.63 2.87 0.51
N PHE A 143 -18.97 3.87 -0.05
CA PHE A 143 -19.59 4.78 -1.00
C PHE A 143 -18.86 4.84 -2.33
N TYR A 144 -19.52 5.45 -3.32
CA TYR A 144 -18.95 5.62 -4.65
C TYR A 144 -19.79 6.67 -5.39
N PRO A 145 -19.15 7.57 -6.15
CA PRO A 145 -17.71 7.74 -6.39
C PRO A 145 -16.89 8.10 -5.16
N LYS A 146 -15.60 8.30 -5.36
CA LYS A 146 -14.67 8.61 -4.29
C LYS A 146 -14.81 10.01 -3.70
N ASP A 147 -15.11 11.01 -4.52
CA ASP A 147 -15.24 12.36 -4.02
C ASP A 147 -16.41 12.53 -3.07
N ILE A 148 -16.15 13.23 -1.98
CA ILE A 148 -17.18 13.46 -0.97
C ILE A 148 -16.72 14.61 -0.09
N ASN A 149 -17.68 15.32 0.48
CA ASN A 149 -17.38 16.45 1.35
C ASN A 149 -17.87 16.24 2.78
N VAL A 150 -17.05 16.65 3.74
CA VAL A 150 -17.40 16.52 5.14
C VAL A 150 -17.34 17.89 5.79
N LYS A 151 -18.46 18.34 6.34
CA LYS A 151 -18.51 19.63 7.02
C LYS A 151 -18.66 19.41 8.51
N TRP A 152 -17.77 20.03 9.29
CA TRP A 152 -17.85 19.90 10.75
C TRP A 152 -18.47 21.13 11.38
N LYS A 153 -19.36 20.90 12.32
CA LYS A 153 -20.02 21.99 13.04
C LYS A 153 -19.84 21.74 14.53
N ILE A 154 -19.33 22.74 15.22
CA ILE A 154 -19.11 22.67 16.65
C ILE A 154 -20.07 23.67 17.27
N ASP A 155 -21.01 23.19 18.08
CA ASP A 155 -22.00 24.06 18.71
C ASP A 155 -22.72 24.89 17.65
N GLY A 156 -23.02 24.25 16.52
CA GLY A 156 -23.73 24.91 15.43
C GLY A 156 -22.89 25.68 14.42
N SER A 157 -21.66 26.04 14.77
CA SER A 157 -20.82 26.80 13.85
C SER A 157 -19.85 25.93 13.06
N GLU A 158 -19.74 26.22 11.77
CA GLU A 158 -18.85 25.47 10.90
C GLU A 158 -17.40 25.63 11.36
N ARG A 159 -16.64 24.55 11.26
CA ARG A 159 -15.23 24.52 11.64
C ARG A 159 -14.46 23.78 10.55
N GLN A 160 -13.60 24.49 9.82
CA GLN A 160 -12.84 23.87 8.73
C GLN A 160 -11.42 23.46 9.05
N ASN A 161 -10.78 24.18 9.97
CA ASN A 161 -9.39 23.91 10.36
C ASN A 161 -9.24 22.78 11.37
N GLY A 162 -8.09 22.10 11.30
CA GLY A 162 -7.81 21.01 12.21
C GLY A 162 -8.38 19.69 11.70
N VAL A 163 -8.82 19.68 10.45
CA VAL A 163 -9.40 18.49 9.85
C VAL A 163 -8.46 17.77 8.88
N LEU A 164 -8.43 16.44 8.98
CA LEU A 164 -7.63 15.61 8.11
C LEU A 164 -8.56 14.59 7.46
N ASN A 165 -8.58 14.58 6.13
CA ASN A 165 -9.43 13.67 5.39
C ASN A 165 -8.54 12.67 4.65
N SER A 166 -8.81 11.38 4.86
CA SER A 166 -8.01 10.35 4.20
C SER A 166 -8.92 9.18 3.78
N TRP A 167 -8.64 8.61 2.61
CA TRP A 167 -9.44 7.53 2.05
C TRP A 167 -8.77 6.16 2.07
N THR A 168 -9.59 5.12 1.97
CA THR A 168 -9.09 3.76 1.89
C THR A 168 -8.90 3.51 0.40
N ASP A 169 -8.26 2.39 0.06
CA ASP A 169 -8.10 2.02 -1.32
C ASP A 169 -9.45 1.41 -1.69
N GLN A 170 -9.77 1.36 -2.97
CA GLN A 170 -11.04 0.80 -3.39
C GLN A 170 -11.14 -0.66 -2.93
N ASP A 171 -12.32 -1.06 -2.49
CA ASP A 171 -12.54 -2.44 -2.02
C ASP A 171 -12.61 -3.41 -3.21
N SER A 172 -11.83 -4.48 -3.11
CA SER A 172 -11.77 -5.49 -4.18
C SER A 172 -13.04 -6.32 -4.33
N LYS A 173 -13.93 -6.24 -3.36
CA LYS A 173 -15.17 -7.00 -3.38
C LYS A 173 -16.37 -6.22 -3.93
N ASP A 174 -16.66 -5.06 -3.33
CA ASP A 174 -17.80 -4.26 -3.77
C ASP A 174 -17.41 -2.99 -4.53
N SER A 175 -16.10 -2.77 -4.69
CA SER A 175 -15.60 -1.61 -5.42
C SER A 175 -15.98 -0.25 -4.86
N THR A 176 -16.24 -0.20 -3.55
CA THR A 176 -16.60 1.06 -2.91
C THR A 176 -15.42 1.66 -2.16
N TYR A 177 -15.59 2.89 -1.71
CA TYR A 177 -14.56 3.57 -0.94
C TYR A 177 -15.10 3.88 0.44
N SER A 178 -14.17 4.17 1.34
CA SER A 178 -14.49 4.55 2.70
C SER A 178 -13.48 5.64 3.03
N MET A 179 -13.79 6.50 3.99
CA MET A 179 -12.86 7.56 4.35
C MET A 179 -13.18 8.04 5.74
N SER A 180 -12.18 8.63 6.38
CA SER A 180 -12.39 9.17 7.72
C SER A 180 -12.02 10.64 7.68
N SER A 181 -12.79 11.45 8.41
CA SER A 181 -12.51 12.87 8.53
C SER A 181 -12.19 12.98 10.01
N THR A 182 -10.96 13.38 10.32
CA THR A 182 -10.55 13.47 11.70
C THR A 182 -10.33 14.92 12.10
N LEU A 183 -11.14 15.39 13.03
CA LEU A 183 -11.02 16.75 13.53
C LEU A 183 -10.24 16.67 14.85
N THR A 184 -9.03 17.20 14.86
CA THR A 184 -8.21 17.18 16.06
C THR A 184 -8.10 18.58 16.66
N LEU A 185 -8.58 18.71 17.89
CA LEU A 185 -8.56 19.98 18.61
C LEU A 185 -7.65 19.81 19.81
N THR A 186 -7.29 20.92 20.45
CA THR A 186 -6.47 20.80 21.65
C THR A 186 -7.42 20.23 22.69
N LYS A 187 -6.87 19.66 23.75
CA LYS A 187 -7.66 19.07 24.81
C LYS A 187 -8.66 20.11 25.37
N ASP A 188 -8.18 21.32 25.68
CA ASP A 188 -9.07 22.35 26.22
C ASP A 188 -10.09 22.86 25.21
N GLU A 189 -9.69 22.98 23.95
CA GLU A 189 -10.58 23.44 22.89
C GLU A 189 -11.77 22.48 22.80
N TYR A 190 -11.48 21.18 22.88
CA TYR A 190 -12.54 20.17 22.81
C TYR A 190 -13.49 20.31 23.99
N GLU A 191 -12.94 20.58 25.17
CA GLU A 191 -13.74 20.73 26.38
C GLU A 191 -14.54 22.04 26.45
N ARG A 192 -14.24 22.98 25.57
CA ARG A 192 -14.97 24.25 25.56
C ARG A 192 -16.20 24.21 24.65
N HIS A 193 -16.58 23.01 24.20
CA HIS A 193 -17.75 22.87 23.33
C HIS A 193 -18.55 21.61 23.66
N ASN A 194 -19.82 21.61 23.27
CA ASN A 194 -20.71 20.49 23.56
C ASN A 194 -21.10 19.66 22.35
N SER A 195 -21.72 20.31 21.36
CA SER A 195 -22.18 19.61 20.17
C SER A 195 -21.14 19.47 19.06
N TYR A 196 -20.89 18.24 18.65
CA TYR A 196 -19.97 17.96 17.56
C TYR A 196 -20.74 17.25 16.48
N THR A 197 -20.83 17.89 15.32
CA THR A 197 -21.58 17.34 14.21
C THR A 197 -20.76 17.27 12.93
N CYS A 198 -20.92 16.19 12.18
CA CYS A 198 -20.22 16.06 10.91
C CYS A 198 -21.30 15.84 9.87
N GLU A 199 -21.20 16.55 8.76
CA GLU A 199 -22.17 16.44 7.68
C GLU A 199 -21.48 15.98 6.40
N ALA A 200 -21.92 14.84 5.89
CA ALA A 200 -21.33 14.30 4.67
C ALA A 200 -22.22 14.55 3.46
N THR A 201 -21.65 15.22 2.46
CA THR A 201 -22.36 15.52 1.22
C THR A 201 -21.72 14.72 0.09
N HIS A 202 -22.51 13.84 -0.50
CA HIS A 202 -22.05 12.98 -1.58
C HIS A 202 -22.94 13.17 -2.81
N LYS A 203 -22.40 12.81 -3.97
CA LYS A 203 -23.12 12.92 -5.23
C LYS A 203 -24.50 12.28 -5.18
N THR A 204 -24.62 11.21 -4.40
CA THR A 204 -25.87 10.47 -4.28
C THR A 204 -27.06 11.25 -3.74
N SER A 205 -26.83 12.42 -3.17
CA SER A 205 -27.93 13.24 -2.64
C SER A 205 -27.54 14.68 -2.37
N THR A 206 -28.51 15.58 -2.55
CA THR A 206 -28.27 17.00 -2.31
C THR A 206 -28.35 17.30 -0.81
N SER A 207 -28.90 16.36 -0.04
CA SER A 207 -29.00 16.53 1.41
C SER A 207 -27.90 15.73 2.09
N PRO A 208 -27.16 16.37 3.00
CA PRO A 208 -26.07 15.73 3.74
C PRO A 208 -26.53 14.67 4.73
N ILE A 209 -25.68 13.68 4.98
CA ILE A 209 -25.97 12.64 5.94
C ILE A 209 -25.36 13.23 7.21
N VAL A 210 -26.19 13.44 8.23
CA VAL A 210 -25.71 14.03 9.47
C VAL A 210 -25.61 13.10 10.67
N LYS A 211 -24.52 13.26 11.41
CA LYS A 211 -24.26 12.48 12.62
C LYS A 211 -23.64 13.41 13.65
N SER A 212 -24.04 13.27 14.90
CA SER A 212 -23.49 14.12 15.94
C SER A 212 -23.67 13.54 17.34
N PHE A 213 -23.02 14.19 18.30
CA PHE A 213 -23.10 13.77 19.69
C PHE A 213 -22.83 14.98 20.57
N ASN A 214 -23.20 14.86 21.83
CA ASN A 214 -22.99 15.90 22.81
C ASN A 214 -22.00 15.39 23.84
N ARG A 215 -21.01 16.21 24.20
CA ARG A 215 -20.03 15.80 25.19
C ARG A 215 -20.69 15.50 26.52
N GLU B 1 4.80 -23.64 -5.06
CA GLU B 1 4.30 -22.49 -4.25
C GLU B 1 5.48 -21.60 -3.84
N VAL B 2 5.96 -20.79 -4.77
CA VAL B 2 7.09 -19.91 -4.50
C VAL B 2 6.73 -18.86 -3.46
N LYS B 3 7.61 -18.68 -2.48
CA LYS B 3 7.40 -17.69 -1.43
C LYS B 3 8.66 -16.85 -1.26
N VAL B 4 8.47 -15.55 -1.11
CA VAL B 4 9.58 -14.61 -0.93
C VAL B 4 9.22 -13.63 0.18
N GLU B 5 10.03 -13.54 1.22
CA GLU B 5 9.76 -12.62 2.31
C GLU B 5 11.01 -11.85 2.73
N GLU B 6 10.91 -10.52 2.74
CA GLU B 6 12.02 -9.66 3.11
C GLU B 6 11.86 -9.20 4.56
N SER B 7 12.94 -8.66 5.12
CA SER B 7 12.92 -8.15 6.49
C SER B 7 14.15 -7.28 6.73
N GLY B 8 14.20 -6.64 7.91
CA GLY B 8 15.34 -5.79 8.22
C GLY B 8 15.11 -4.30 7.99
N GLY B 9 13.93 -3.97 7.46
CA GLY B 9 13.62 -2.58 7.20
C GLY B 9 13.53 -1.77 8.49
N GLY B 10 13.51 -0.45 8.37
CA GLY B 10 13.43 0.40 9.53
C GLY B 10 13.92 1.81 9.24
N LEU B 11 14.17 2.58 10.30
CA LEU B 11 14.65 3.95 10.19
C LEU B 11 16.15 4.02 10.48
N VAL B 12 16.86 4.78 9.65
CA VAL B 12 18.30 4.94 9.79
C VAL B 12 18.64 6.39 9.49
N GLN B 13 19.59 6.92 10.22
CA GLN B 13 20.03 8.30 10.01
C GLN B 13 20.86 8.38 8.76
N PRO B 14 20.96 9.53 8.13
CA PRO B 14 21.79 9.63 6.99
C PRO B 14 23.16 9.28 7.40
N GLY B 15 23.76 8.54 6.52
CA GLY B 15 25.14 8.10 6.67
C GLY B 15 25.24 6.79 7.45
N GLY B 16 24.11 6.27 7.87
CA GLY B 16 24.10 5.02 8.66
C GLY B 16 24.06 3.80 7.76
N SER B 17 23.97 2.63 8.39
CA SER B 17 23.93 1.37 7.66
C SER B 17 22.80 0.49 8.16
N MET B 18 22.49 -0.53 7.38
CA MET B 18 21.44 -1.47 7.75
C MET B 18 21.46 -2.59 6.72
N LYS B 19 21.20 -3.81 7.15
CA LYS B 19 21.20 -4.94 6.23
C LYS B 19 19.81 -5.53 6.11
N LEU B 20 19.37 -5.70 4.86
CA LEU B 20 18.07 -6.26 4.59
C LEU B 20 18.27 -7.75 4.28
N SER B 21 17.30 -8.57 4.67
CA SER B 21 17.37 -10.00 4.42
C SER B 21 16.14 -10.47 3.66
N CYS B 22 16.31 -11.54 2.89
CA CYS B 22 15.21 -12.12 2.13
C CYS B 22 15.34 -13.62 2.11
N VAL B 23 14.25 -14.30 2.44
CA VAL B 23 14.24 -15.75 2.44
C VAL B 23 13.20 -16.20 1.42
N ALA B 24 13.56 -17.20 0.64
CA ALA B 24 12.64 -17.72 -0.37
C ALA B 24 12.41 -19.21 -0.10
N SER B 25 11.34 -19.73 -0.69
CA SER B 25 11.02 -21.14 -0.55
C SER B 25 10.11 -21.52 -1.69
N GLY B 26 10.01 -22.81 -1.97
CA GLY B 26 9.16 -23.26 -3.05
C GLY B 26 9.89 -23.45 -4.36
N PHE B 27 11.22 -23.38 -4.31
CA PHE B 27 12.05 -23.58 -5.51
C PHE B 27 13.52 -23.75 -5.13
N THR B 28 14.31 -24.30 -6.04
CA THR B 28 15.73 -24.50 -5.79
C THR B 28 16.40 -23.13 -5.92
N PHE B 29 16.63 -22.52 -4.77
CA PHE B 29 17.20 -21.18 -4.68
C PHE B 29 18.46 -20.97 -5.52
N SER B 30 19.40 -21.90 -5.43
CA SER B 30 20.67 -21.80 -6.14
C SER B 30 20.58 -21.74 -7.67
N ASN B 31 19.44 -22.10 -8.24
CA ASN B 31 19.31 -22.06 -9.70
C ASN B 31 18.86 -20.73 -10.27
N TYR B 32 18.65 -19.74 -9.41
CA TYR B 32 18.15 -18.45 -9.87
C TYR B 32 18.91 -17.20 -9.43
N TRP B 33 18.88 -16.19 -10.29
CA TRP B 33 19.48 -14.90 -9.95
C TRP B 33 18.48 -14.33 -8.94
N MET B 34 18.93 -13.43 -8.09
CA MET B 34 18.04 -12.78 -7.14
C MET B 34 18.27 -11.28 -7.31
N GLU B 35 17.21 -10.49 -7.14
CA GLU B 35 17.28 -9.06 -7.35
C GLU B 35 16.66 -8.26 -6.21
N TRP B 36 17.09 -7.02 -6.08
CA TRP B 36 16.51 -6.10 -5.12
C TRP B 36 16.06 -4.90 -5.95
N VAL B 37 14.81 -4.52 -5.75
CA VAL B 37 14.23 -3.39 -6.45
C VAL B 37 13.60 -2.53 -5.36
N ARG B 38 13.68 -1.21 -5.49
CA ARG B 38 13.07 -0.36 -4.47
C ARG B 38 12.02 0.54 -5.08
N GLN B 39 11.08 0.96 -4.25
CA GLN B 39 9.98 1.79 -4.70
C GLN B 39 9.86 3.04 -3.84
N SER B 40 9.88 4.20 -4.49
CA SER B 40 9.75 5.48 -3.78
C SER B 40 8.72 6.34 -4.50
N PRO B 41 8.01 7.20 -3.76
CA PRO B 41 7.00 8.08 -4.36
C PRO B 41 7.57 9.16 -5.29
N GLU B 42 8.89 9.14 -5.49
CA GLU B 42 9.52 10.13 -6.37
C GLU B 42 10.28 9.54 -7.56
N LYS B 43 10.58 8.24 -7.50
CA LYS B 43 11.29 7.60 -8.60
C LYS B 43 10.55 6.34 -9.05
N GLY B 44 9.48 5.99 -8.33
CA GLY B 44 8.72 4.81 -8.67
C GLY B 44 9.61 3.60 -8.42
N LEU B 45 9.38 2.53 -9.17
CA LEU B 45 10.19 1.33 -9.01
C LEU B 45 11.56 1.53 -9.65
N GLU B 46 12.59 1.10 -8.94
CA GLU B 46 13.95 1.25 -9.41
C GLU B 46 14.79 0.04 -9.06
N TRP B 47 15.40 -0.57 -10.08
CA TRP B 47 16.26 -1.74 -9.87
C TRP B 47 17.48 -1.28 -9.07
N VAL B 48 17.84 -2.04 -8.04
CA VAL B 48 18.96 -1.67 -7.18
C VAL B 48 20.21 -2.55 -7.33
N ALA B 49 20.03 -3.85 -7.24
CA ALA B 49 21.17 -4.77 -7.32
C ALA B 49 20.75 -6.16 -7.77
N GLU B 50 21.71 -6.89 -8.31
CA GLU B 50 21.49 -8.23 -8.81
C GLU B 50 22.66 -9.15 -8.46
N ILE B 51 22.37 -10.40 -8.17
CA ILE B 51 23.42 -11.36 -7.86
C ILE B 51 23.10 -12.63 -8.64
N ARG B 52 24.10 -13.16 -9.35
CA ARG B 52 23.86 -14.35 -10.14
C ARG B 52 24.24 -15.66 -9.46
N LEU B 53 24.46 -16.70 -10.27
CA LEU B 53 24.75 -18.04 -9.75
C LEU B 53 26.19 -18.35 -9.33
N LYS B 54 26.33 -19.46 -8.61
CA LYS B 54 27.64 -19.91 -8.14
C LYS B 54 28.57 -20.13 -9.34
N SER B 55 28.02 -20.71 -10.40
CA SER B 55 28.76 -20.98 -11.62
C SER B 55 29.26 -19.68 -12.26
N ASN B 56 28.71 -18.57 -11.79
CA ASN B 56 29.07 -17.24 -12.29
C ASN B 56 29.96 -16.59 -11.24
N ASN B 57 30.39 -17.37 -10.25
CA ASN B 57 31.23 -16.88 -9.17
C ASN B 57 30.45 -15.79 -8.44
N TYR B 58 29.13 -15.96 -8.40
CA TYR B 58 28.24 -15.00 -7.73
C TYR B 58 28.42 -13.57 -8.21
N ALA B 59 28.52 -13.41 -9.53
CA ALA B 59 28.67 -12.09 -10.13
C ALA B 59 27.55 -11.17 -9.68
N THR B 60 27.90 -9.93 -9.38
CA THR B 60 26.91 -8.95 -8.94
C THR B 60 26.92 -7.71 -9.83
N HIS B 61 25.81 -6.99 -9.82
CA HIS B 61 25.69 -5.76 -10.58
C HIS B 61 24.86 -4.78 -9.78
N TYR B 62 25.24 -3.51 -9.82
CA TYR B 62 24.52 -2.50 -9.06
C TYR B 62 24.08 -1.31 -9.89
N ALA B 63 22.98 -0.68 -9.47
CA ALA B 63 22.48 0.50 -10.13
C ALA B 63 23.53 1.56 -9.81
N GLU B 64 23.79 2.44 -10.77
CA GLU B 64 24.80 3.48 -10.59
C GLU B 64 24.57 4.28 -9.31
N SER B 65 23.31 4.48 -8.94
CA SER B 65 22.96 5.25 -7.75
C SER B 65 23.38 4.65 -6.42
N VAL B 66 23.62 3.34 -6.37
CA VAL B 66 24.02 2.68 -5.12
C VAL B 66 25.43 2.09 -5.17
N LYS B 67 26.08 2.26 -6.32
CA LYS B 67 27.44 1.76 -6.51
C LYS B 67 28.38 2.14 -5.38
N GLY B 68 29.07 1.16 -4.83
CA GLY B 68 30.01 1.43 -3.75
C GLY B 68 29.43 1.64 -2.37
N ARG B 69 28.09 1.65 -2.25
CA ARG B 69 27.46 1.85 -0.94
C ARG B 69 26.67 0.62 -0.54
N PHE B 70 26.08 -0.06 -1.53
CA PHE B 70 25.29 -1.26 -1.30
C PHE B 70 26.03 -2.50 -1.74
N THR B 71 25.81 -3.59 -1.03
CA THR B 71 26.43 -4.87 -1.35
C THR B 71 25.38 -5.97 -1.26
N ILE B 72 25.25 -6.73 -2.34
CA ILE B 72 24.29 -7.81 -2.38
C ILE B 72 25.05 -9.13 -2.26
N SER B 73 24.50 -10.04 -1.48
CA SER B 73 25.12 -11.34 -1.26
C SER B 73 24.04 -12.37 -1.10
N ARG B 74 24.41 -13.65 -1.19
CA ARG B 74 23.44 -14.70 -1.04
C ARG B 74 24.05 -15.90 -0.31
N ASP B 75 23.18 -16.70 0.28
CA ASP B 75 23.58 -17.92 0.99
C ASP B 75 22.60 -18.97 0.50
N ASP B 76 23.03 -19.74 -0.49
CA ASP B 76 22.17 -20.76 -1.06
C ASP B 76 21.73 -21.80 -0.04
N SER B 77 22.60 -22.14 0.91
CA SER B 77 22.26 -23.14 1.90
C SER B 77 21.07 -22.72 2.78
N LYS B 78 20.83 -21.42 2.85
CA LYS B 78 19.70 -20.93 3.64
C LYS B 78 18.66 -20.24 2.75
N SER B 79 18.80 -20.43 1.43
CA SER B 79 17.88 -19.85 0.47
C SER B 79 17.61 -18.38 0.78
N SER B 80 18.67 -17.63 1.03
CA SER B 80 18.53 -16.22 1.35
C SER B 80 19.44 -15.32 0.52
N VAL B 81 18.99 -14.08 0.34
CA VAL B 81 19.75 -13.08 -0.38
C VAL B 81 19.73 -11.86 0.54
N TYR B 82 20.81 -11.10 0.53
CA TYR B 82 20.92 -9.96 1.44
C TYR B 82 21.34 -8.69 0.71
N LEU B 83 21.10 -7.56 1.36
CA LEU B 83 21.48 -6.27 0.81
C LEU B 83 22.05 -5.42 1.94
N GLN B 84 23.37 -5.27 1.94
CA GLN B 84 24.04 -4.47 2.97
C GLN B 84 24.06 -3.04 2.46
N MET B 85 23.40 -2.15 3.19
CA MET B 85 23.33 -0.75 2.81
C MET B 85 24.18 0.11 3.73
N ASN B 86 25.14 0.83 3.13
CA ASN B 86 26.02 1.71 3.89
C ASN B 86 25.97 3.12 3.33
N ASN B 87 26.45 4.07 4.11
CA ASN B 87 26.45 5.48 3.71
C ASN B 87 25.09 5.85 3.13
N LEU B 88 24.04 5.44 3.83
CA LEU B 88 22.67 5.71 3.39
C LEU B 88 22.34 7.19 3.29
N ARG B 89 21.52 7.51 2.30
CA ARG B 89 21.11 8.88 2.06
C ARG B 89 19.59 8.97 1.98
N ALA B 90 19.07 10.16 2.23
CA ALA B 90 17.62 10.37 2.20
C ALA B 90 17.00 9.77 0.95
N GLU B 91 17.70 9.86 -0.18
CA GLU B 91 17.19 9.35 -1.46
C GLU B 91 17.01 7.83 -1.45
N ASP B 92 17.62 7.16 -0.48
CA ASP B 92 17.52 5.71 -0.40
C ASP B 92 16.22 5.25 0.26
N THR B 93 15.42 6.22 0.73
CA THR B 93 14.15 5.90 1.36
C THR B 93 13.22 5.24 0.35
N GLY B 94 12.55 4.18 0.78
CA GLY B 94 11.62 3.47 -0.09
C GLY B 94 11.31 2.06 0.37
N ILE B 95 10.41 1.40 -0.35
CA ILE B 95 10.07 0.02 -0.01
C ILE B 95 10.98 -0.85 -0.85
N TYR B 96 11.72 -1.74 -0.18
CA TYR B 96 12.65 -2.63 -0.87
C TYR B 96 12.08 -4.03 -1.07
N TYR B 97 12.01 -4.41 -2.35
CA TYR B 97 11.47 -5.70 -2.74
C TYR B 97 12.58 -6.66 -3.16
N CYS B 98 12.45 -7.91 -2.74
CA CYS B 98 13.38 -8.96 -3.13
C CYS B 98 12.65 -9.70 -4.22
N THR B 99 13.32 -10.00 -5.33
CA THR B 99 12.66 -10.70 -6.43
C THR B 99 13.55 -11.78 -7.03
N ARG B 100 12.90 -12.79 -7.62
CA ARG B 100 13.63 -13.88 -8.25
C ARG B 100 13.79 -13.55 -9.72
N GLY B 101 15.00 -13.72 -10.25
CA GLY B 101 15.22 -13.48 -11.66
C GLY B 101 14.71 -14.73 -12.34
N GLY B 102 13.55 -14.65 -12.98
CA GLY B 102 12.96 -15.82 -13.60
C GLY B 102 13.57 -16.35 -14.88
N ALA B 103 13.32 -17.63 -15.15
CA ALA B 103 13.82 -18.26 -16.35
C ALA B 103 13.09 -17.71 -17.58
N VAL B 104 11.92 -17.11 -17.37
CA VAL B 104 11.16 -16.53 -18.48
C VAL B 104 11.76 -15.20 -18.95
N GLY B 105 12.73 -14.69 -18.20
CA GLY B 105 13.37 -13.44 -18.58
C GLY B 105 12.87 -12.20 -17.85
N ALA B 106 12.08 -12.41 -16.81
CA ALA B 106 11.54 -11.30 -16.01
C ALA B 106 11.62 -11.66 -14.54
N MET B 107 11.66 -10.65 -13.67
CA MET B 107 11.69 -10.89 -12.24
C MET B 107 10.28 -11.44 -12.00
N ASP B 108 10.18 -12.75 -11.85
CA ASP B 108 8.87 -13.39 -11.73
C ASP B 108 8.15 -13.54 -10.40
N TYR B 109 8.88 -13.57 -9.29
CA TYR B 109 8.24 -13.67 -7.98
C TYR B 109 8.80 -12.61 -7.04
N TRP B 110 7.90 -11.88 -6.40
CA TRP B 110 8.26 -10.79 -5.50
C TRP B 110 7.76 -10.98 -4.07
N GLY B 111 8.44 -10.34 -3.13
CA GLY B 111 8.01 -10.40 -1.75
C GLY B 111 7.12 -9.20 -1.55
N GLN B 112 6.56 -9.02 -0.35
CA GLN B 112 5.69 -7.87 -0.09
C GLN B 112 6.49 -6.61 0.17
N GLY B 113 7.81 -6.77 0.34
CA GLY B 113 8.67 -5.63 0.57
C GLY B 113 8.89 -5.28 2.02
N THR B 114 9.99 -4.56 2.30
CA THR B 114 10.31 -4.13 3.64
C THR B 114 10.64 -2.65 3.49
N SER B 115 10.06 -1.82 4.35
CA SER B 115 10.28 -0.38 4.26
C SER B 115 11.57 0.12 4.89
N VAL B 116 12.20 1.05 4.20
CA VAL B 116 13.44 1.66 4.68
C VAL B 116 13.27 3.18 4.64
N THR B 117 13.60 3.85 5.74
CA THR B 117 13.49 5.29 5.81
C THR B 117 14.80 5.88 6.31
N VAL B 118 15.40 6.76 5.52
CA VAL B 118 16.63 7.42 5.90
C VAL B 118 16.20 8.84 6.25
N SER B 119 16.33 9.18 7.53
CA SER B 119 15.91 10.49 7.99
C SER B 119 16.64 10.93 9.25
N SER B 120 16.70 12.24 9.47
CA SER B 120 17.35 12.79 10.65
C SER B 120 16.38 12.75 11.83
N ALA B 121 15.12 12.47 11.53
CA ALA B 121 14.10 12.39 12.57
C ALA B 121 14.28 11.05 13.29
N THR B 122 13.66 10.90 14.45
CA THR B 122 13.77 9.65 15.19
C THR B 122 12.50 8.82 15.16
N THR B 123 12.64 7.54 15.47
CA THR B 123 11.53 6.61 15.52
C THR B 123 10.61 6.89 16.70
N THR B 124 9.30 6.87 16.46
CA THR B 124 8.34 7.08 17.53
C THR B 124 7.22 6.05 17.35
N ALA B 125 7.09 5.14 18.31
CA ALA B 125 6.04 4.13 18.24
C ALA B 125 4.68 4.80 18.33
N PRO B 126 3.67 4.24 17.63
CA PRO B 126 2.33 4.82 17.64
C PRO B 126 1.55 4.74 18.95
N SER B 127 0.67 5.71 19.13
CA SER B 127 -0.24 5.76 20.26
C SER B 127 -1.52 5.23 19.60
N VAL B 128 -2.29 4.41 20.31
CA VAL B 128 -3.50 3.86 19.76
C VAL B 128 -4.72 4.15 20.65
N TYR B 129 -5.75 4.75 20.08
CA TYR B 129 -6.95 5.10 20.83
C TYR B 129 -8.16 4.34 20.29
N PRO B 130 -9.08 3.93 21.18
CA PRO B 130 -10.26 3.20 20.70
C PRO B 130 -11.30 4.10 20.02
N LEU B 131 -11.96 3.55 19.00
CA LEU B 131 -13.03 4.26 18.30
C LEU B 131 -14.23 3.40 18.68
N VAL B 132 -15.00 3.87 19.66
CA VAL B 132 -16.14 3.13 20.17
C VAL B 132 -17.49 3.72 19.84
N PRO B 133 -18.41 2.88 19.33
CA PRO B 133 -19.74 3.33 19.02
C PRO B 133 -20.25 4.10 20.20
N GLY B 134 -20.25 5.40 19.86
CA GLY B 134 -20.60 6.57 20.69
C GLY B 134 -22.12 6.65 20.90
N CYS B 135 -22.48 6.07 22.01
CA CYS B 135 -23.85 5.98 22.51
C CYS B 135 -24.88 6.62 21.58
N SER B 136 -25.51 5.80 20.72
CA SER B 136 -26.51 6.28 19.76
C SER B 136 -27.49 5.17 19.41
N ASP B 137 -28.39 5.45 18.47
CA ASP B 137 -29.39 4.49 18.01
C ASP B 137 -28.88 3.71 16.79
N THR B 138 -29.13 2.40 16.77
CA THR B 138 -28.70 1.52 15.69
C THR B 138 -29.23 1.88 14.30
N SER B 139 -28.45 2.65 13.54
CA SER B 139 -28.86 3.03 12.18
C SER B 139 -27.65 3.19 11.27
N GLY B 140 -26.83 2.15 11.18
CA GLY B 140 -25.65 2.19 10.34
C GLY B 140 -24.86 0.80 10.35
N SER B 141 -25.36 -0.21 9.56
CA SER B 141 -24.70 -1.62 9.37
C SER B 141 -24.23 -2.21 10.72
N SER B 142 -24.71 -3.38 11.20
CA SER B 142 -24.68 -3.51 12.71
C SER B 142 -23.80 -2.44 13.47
N VAL B 143 -22.64 -2.83 13.96
CA VAL B 143 -21.81 -1.86 14.73
C VAL B 143 -20.42 -1.71 14.11
N THR B 144 -19.95 -0.47 14.04
CA THR B 144 -18.63 -0.19 13.50
C THR B 144 -17.71 0.27 14.61
N LEU B 145 -16.61 -0.45 14.78
CA LEU B 145 -15.63 -0.16 15.82
C LEU B 145 -14.31 0.19 15.13
N GLY B 146 -13.32 0.63 15.89
CA GLY B 146 -12.06 0.96 15.27
C GLY B 146 -10.95 1.33 16.21
N CYS B 147 -9.80 1.63 15.61
CA CYS B 147 -8.62 2.04 16.34
C CYS B 147 -7.98 3.19 15.60
N LEU B 148 -7.74 4.26 16.34
CA LEU B 148 -7.10 5.46 15.82
C LEU B 148 -5.63 5.34 16.18
N VAL B 149 -4.77 5.37 15.18
CA VAL B 149 -3.33 5.25 15.37
C VAL B 149 -2.67 6.59 15.06
N LYS B 150 -2.07 7.22 16.07
CA LYS B 150 -1.43 8.52 15.84
C LYS B 150 -0.02 8.66 16.40
N GLY B 151 0.62 9.75 16.02
CA GLY B 151 1.95 10.06 16.50
C GLY B 151 3.06 9.06 16.27
N TYR B 152 3.12 8.47 15.08
CA TYR B 152 4.18 7.50 14.82
C TYR B 152 5.07 7.93 13.65
N PHE B 153 6.30 7.43 13.67
CA PHE B 153 7.27 7.71 12.63
C PHE B 153 8.39 6.70 12.77
N PRO B 154 8.88 6.15 11.65
CA PRO B 154 8.44 6.43 10.28
C PRO B 154 7.24 5.57 9.98
N GLU B 155 6.87 5.56 8.71
CA GLU B 155 5.77 4.75 8.24
C GLU B 155 6.50 3.44 7.90
N PRO B 156 5.78 2.31 7.80
CA PRO B 156 4.36 2.11 7.98
C PRO B 156 3.97 1.44 9.29
N VAL B 157 2.66 1.32 9.46
CA VAL B 157 2.06 0.61 10.57
C VAL B 157 1.02 -0.21 9.83
N THR B 158 0.85 -1.46 10.26
CA THR B 158 -0.16 -2.31 9.65
C THR B 158 -1.12 -2.63 10.77
N VAL B 159 -2.40 -2.79 10.43
CA VAL B 159 -3.39 -3.08 11.44
C VAL B 159 -4.24 -4.30 11.09
N LYS B 160 -4.30 -5.25 12.01
CA LYS B 160 -5.10 -6.45 11.82
C LYS B 160 -6.13 -6.50 12.94
N TRP B 161 -7.16 -7.32 12.77
CA TRP B 161 -8.19 -7.47 13.78
C TRP B 161 -8.25 -8.92 14.21
N ASN B 162 -8.29 -9.13 15.53
CA ASN B 162 -8.29 -10.46 16.12
C ASN B 162 -7.17 -11.29 15.49
N TYR B 163 -5.99 -10.67 15.45
CA TYR B 163 -4.78 -11.26 14.90
C TYR B 163 -4.92 -11.66 13.43
N GLY B 164 -5.85 -11.01 12.72
CA GLY B 164 -6.04 -11.31 11.32
C GLY B 164 -7.20 -12.24 11.04
N ALA B 165 -7.79 -12.78 12.10
CA ALA B 165 -8.93 -13.69 11.95
C ALA B 165 -10.17 -12.92 11.49
N LEU B 166 -10.20 -11.63 11.79
CA LEU B 166 -11.34 -10.82 11.37
C LEU B 166 -10.85 -9.92 10.23
N SER B 167 -11.18 -10.30 9.00
CA SER B 167 -10.74 -9.55 7.84
C SER B 167 -11.90 -8.94 7.04
N SER B 168 -13.06 -9.55 7.12
CA SER B 168 -14.23 -9.07 6.41
C SER B 168 -14.76 -7.79 7.05
N GLY B 169 -14.97 -6.77 6.24
CA GLY B 169 -15.48 -5.51 6.75
C GLY B 169 -14.41 -4.59 7.30
N VAL B 170 -13.15 -4.94 7.14
CA VAL B 170 -12.05 -4.11 7.62
C VAL B 170 -11.77 -2.97 6.65
N ARG B 171 -11.66 -1.76 7.19
CA ARG B 171 -11.37 -0.58 6.38
C ARG B 171 -10.26 0.24 7.05
N THR B 172 -9.12 0.34 6.38
CA THR B 172 -7.99 1.08 6.92
C THR B 172 -7.59 2.19 5.94
N VAL B 173 -7.82 3.44 6.34
CA VAL B 173 -7.50 4.57 5.48
C VAL B 173 -5.99 4.75 5.36
N SER B 174 -5.54 5.41 4.30
CA SER B 174 -4.12 5.62 4.13
C SER B 174 -3.63 6.55 5.22
N SER B 175 -2.34 6.47 5.53
CA SER B 175 -1.75 7.32 6.55
C SER B 175 -1.55 8.72 5.97
N VAL B 176 -1.46 9.71 6.85
CA VAL B 176 -1.22 11.07 6.43
C VAL B 176 -0.15 11.63 7.35
N LEU B 177 0.79 12.38 6.78
CA LEU B 177 1.87 12.96 7.56
C LEU B 177 1.57 14.40 7.96
N GLN B 178 1.59 14.68 9.26
CA GLN B 178 1.33 16.03 9.75
C GLN B 178 2.06 16.25 11.09
N SER B 179 2.59 17.44 11.29
CA SER B 179 3.33 17.75 12.52
C SER B 179 4.48 16.77 12.74
N GLY B 180 5.03 16.26 11.64
CA GLY B 180 6.12 15.33 11.73
C GLY B 180 5.74 13.89 12.04
N PHE B 181 4.45 13.64 12.26
CA PHE B 181 3.97 12.30 12.58
C PHE B 181 2.88 11.79 11.65
N TYR B 182 2.79 10.46 11.54
CA TYR B 182 1.76 9.84 10.72
C TYR B 182 0.60 9.42 11.59
N SER B 183 -0.56 9.26 10.96
CA SER B 183 -1.75 8.82 11.67
C SER B 183 -2.68 8.19 10.66
N LEU B 184 -3.53 7.30 11.14
CA LEU B 184 -4.52 6.63 10.31
C LEU B 184 -5.50 5.97 11.27
N SER B 185 -6.62 5.52 10.71
CA SER B 185 -7.62 4.83 11.52
C SER B 185 -7.96 3.56 10.78
N SER B 186 -8.27 2.53 11.55
CA SER B 186 -8.68 1.26 10.97
C SER B 186 -9.98 0.93 11.67
N LEU B 187 -10.99 0.57 10.89
CA LEU B 187 -12.27 0.23 11.46
C LEU B 187 -12.78 -1.08 10.90
N VAL B 188 -13.66 -1.71 11.66
CA VAL B 188 -14.25 -2.96 11.24
C VAL B 188 -15.73 -2.92 11.62
N THR B 189 -16.56 -3.56 10.82
CA THR B 189 -18.00 -3.58 11.08
C THR B 189 -18.42 -5.02 11.36
N VAL B 190 -19.15 -5.20 12.45
CA VAL B 190 -19.61 -6.54 12.84
C VAL B 190 -21.07 -6.48 13.27
N PRO B 191 -21.74 -7.65 13.36
CA PRO B 191 -23.14 -7.70 13.78
C PRO B 191 -23.24 -7.22 15.23
N SER B 192 -24.25 -6.43 15.53
CA SER B 192 -24.43 -5.90 16.88
C SER B 192 -24.71 -6.99 17.92
N SER B 193 -25.20 -8.14 17.46
CA SER B 193 -25.50 -9.24 18.38
C SER B 193 -24.27 -10.03 18.78
N THR B 194 -23.13 -9.74 18.15
CA THR B 194 -21.89 -10.44 18.43
C THR B 194 -20.91 -9.64 19.27
N TRP B 195 -21.26 -8.39 19.57
CA TRP B 195 -20.38 -7.53 20.37
C TRP B 195 -21.21 -6.92 21.50
N PRO B 196 -20.66 -6.90 22.74
CA PRO B 196 -19.36 -7.35 23.23
C PRO B 196 -19.17 -8.86 23.42
N SER B 197 -20.23 -9.64 23.25
CA SER B 197 -20.15 -11.08 23.42
C SER B 197 -18.85 -11.67 22.91
N GLN B 198 -18.47 -11.28 21.70
CA GLN B 198 -17.25 -11.78 21.08
C GLN B 198 -16.17 -10.69 21.06
N THR B 199 -15.04 -11.01 21.66
CA THR B 199 -13.91 -10.09 21.74
C THR B 199 -13.45 -9.57 20.39
N VAL B 200 -13.26 -8.25 20.32
CA VAL B 200 -12.78 -7.61 19.11
C VAL B 200 -11.51 -6.89 19.52
N ILE B 201 -10.40 -7.15 18.84
CA ILE B 201 -9.15 -6.49 19.16
C ILE B 201 -8.41 -6.07 17.90
N CYS B 202 -7.69 -4.96 17.99
CA CYS B 202 -6.90 -4.51 16.86
C CYS B 202 -5.44 -4.77 17.21
N ASN B 203 -4.70 -5.24 16.23
CA ASN B 203 -3.28 -5.55 16.35
C ASN B 203 -2.56 -4.50 15.52
N VAL B 204 -1.87 -3.57 16.17
CA VAL B 204 -1.18 -2.50 15.47
C VAL B 204 0.33 -2.73 15.47
N ALA B 205 0.87 -3.08 14.32
CA ALA B 205 2.30 -3.34 14.18
C ALA B 205 3.07 -2.16 13.60
N HIS B 206 4.25 -1.89 14.17
CA HIS B 206 5.11 -0.80 13.71
C HIS B 206 6.54 -1.36 13.63
N PRO B 207 6.92 -1.87 12.44
CA PRO B 207 8.26 -2.44 12.24
C PRO B 207 9.45 -1.62 12.76
N ALA B 208 9.42 -0.32 12.52
CA ALA B 208 10.52 0.55 12.94
C ALA B 208 10.83 0.46 14.43
N SER B 209 9.79 0.31 15.27
CA SER B 209 10.02 0.21 16.70
C SER B 209 9.95 -1.24 17.18
N LYS B 210 9.81 -2.16 16.24
CA LYS B 210 9.73 -3.59 16.55
C LYS B 210 8.61 -3.91 17.53
N VAL B 211 7.48 -3.24 17.34
CA VAL B 211 6.35 -3.44 18.23
C VAL B 211 5.06 -3.93 17.59
N ASP B 212 4.21 -4.50 18.44
CA ASP B 212 2.89 -4.98 18.06
C ASP B 212 2.04 -4.58 19.27
N LEU B 213 1.13 -3.63 19.05
CA LEU B 213 0.26 -3.17 20.12
C LEU B 213 -1.10 -3.85 19.96
N ILE B 214 -1.48 -4.61 20.97
CA ILE B 214 -2.75 -5.33 20.96
C ILE B 214 -3.73 -4.61 21.88
N LYS B 215 -4.87 -4.23 21.34
CA LYS B 215 -5.85 -3.49 22.13
C LYS B 215 -7.27 -4.00 21.93
N GLU B 216 -7.98 -4.23 23.03
CA GLU B 216 -9.34 -4.73 22.94
C GLU B 216 -10.38 -3.63 23.16
N ILE B 217 -11.22 -3.35 22.15
CA ILE B 217 -12.28 -2.34 22.21
C ILE B 217 -13.48 -2.90 22.98
N SER B 218 -13.87 -2.23 24.05
CA SER B 218 -15.03 -2.65 24.83
C SER B 218 -16.10 -1.58 24.68
N GLY B 219 -17.34 -1.91 25.04
CA GLY B 219 -18.40 -0.93 24.89
C GLY B 219 -18.88 -0.25 26.15
N PRO B 220 -18.05 0.58 26.79
CA PRO B 220 -18.46 1.29 28.01
C PRO B 220 -19.64 2.22 27.74
N MET C 1 25.79 -6.20 -22.03
CA MET C 1 25.58 -7.61 -21.59
C MET C 1 24.10 -7.97 -21.55
N ASP C 2 23.78 -9.06 -20.83
CA ASP C 2 22.41 -9.52 -20.73
C ASP C 2 21.88 -9.23 -19.33
N TRP C 3 20.61 -8.86 -19.23
CA TRP C 3 20.03 -8.53 -17.93
C TRP C 3 18.89 -9.40 -17.41
N ASN C 4 18.84 -10.65 -17.86
CA ASN C 4 17.83 -11.59 -17.38
C ASN C 4 18.33 -12.99 -17.73
N MET C 5 17.89 -13.98 -16.95
CA MET C 5 18.34 -15.35 -17.15
C MET C 5 18.03 -15.97 -18.50
N HIS C 6 16.94 -15.54 -19.13
CA HIS C 6 16.58 -16.10 -20.44
C HIS C 6 17.60 -15.71 -21.50
N ALA C 7 18.01 -14.44 -21.48
CA ALA C 7 18.98 -13.94 -22.44
C ALA C 7 20.38 -14.44 -22.07
N ALA C 8 20.62 -14.61 -20.77
CA ALA C 8 21.91 -15.07 -20.27
C ALA C 8 22.26 -16.46 -20.80
#